data_4EJW
#
_entry.id   4EJW
#
_cell.length_a   107.749
_cell.length_b   107.749
_cell.length_c   49.722
_cell.angle_alpha   90.00
_cell.angle_beta   90.00
_cell.angle_gamma   120.00
#
_symmetry.space_group_name_H-M   'P 61'
#
loop_
_entity.id
_entity.type
_entity.pdbx_description
1 polymer 'Transcriptional regulator TcaR'
2 non-polymer STREPTOMYCIN
3 water water
#
_entity_poly.entity_id   1
_entity_poly.type   'polypeptide(L)'
_entity_poly.pdbx_seq_one_letter_code
;MVRRIEDHISFLEKFINDVNTLTAKLLKDLQTEYGISAEQSHVLNMLSIEALTVGQITEKQGVNKAAVSRRVKKLLNAEL
VKLEKPDSNTDQRLKIIKLSNKGKKYIKERKAIMSHIASDMTSDFDSKEIEKVRQVLEIIDYRIQSYTSKL
;
_entity_poly.pdbx_strand_id   A,B
#
loop_
_chem_comp.id
_chem_comp.type
_chem_comp.name
_chem_comp.formula
SRY non-polymer STREPTOMYCIN 'C21 H39 N7 O12'
#
# COMPACT_ATOMS: atom_id res chain seq x y z
N ARG A 4 13.97 15.95 -8.82
CA ARG A 4 13.52 16.51 -7.50
C ARG A 4 12.15 15.92 -7.13
N ILE A 5 11.18 16.03 -8.04
CA ILE A 5 9.86 15.48 -7.78
C ILE A 5 9.92 14.00 -8.08
N GLU A 6 10.85 13.59 -8.92
CA GLU A 6 10.97 12.18 -9.23
C GLU A 6 11.50 11.52 -7.98
N ASP A 7 12.32 12.27 -7.25
CA ASP A 7 12.92 11.81 -6.01
C ASP A 7 11.85 11.61 -4.96
N HIS A 8 11.10 12.68 -4.67
CA HIS A 8 10.03 12.61 -3.68
C HIS A 8 9.10 11.45 -3.98
N ILE A 9 8.83 11.22 -5.25
CA ILE A 9 7.96 10.11 -5.68
C ILE A 9 8.55 8.75 -5.33
N SER A 10 9.84 8.57 -5.56
CA SER A 10 10.50 7.32 -5.26
C SER A 10 10.47 7.06 -3.76
N PHE A 11 10.78 8.09 -2.98
CA PHE A 11 10.80 7.98 -1.54
C PHE A 11 9.41 7.63 -1.01
N LEU A 12 8.41 8.40 -1.42
CA LEU A 12 7.04 8.14 -1.00
C LEU A 12 6.62 6.72 -1.33
N GLU A 13 6.97 6.27 -2.54
CA GLU A 13 6.67 4.93 -2.97
C GLU A 13 7.38 3.98 -2.03
N LYS A 14 8.65 4.24 -1.79
CA LYS A 14 9.41 3.40 -0.89
C LYS A 14 8.83 3.47 0.53
N PHE A 15 8.51 4.67 0.99
CA PHE A 15 7.95 4.84 2.34
C PHE A 15 6.71 3.99 2.51
N ILE A 16 5.87 3.98 1.49
CA ILE A 16 4.65 3.19 1.51
C ILE A 16 4.90 1.71 1.36
N ASN A 17 5.91 1.34 0.58
CA ASN A 17 6.22 -0.06 0.40
C ASN A 17 6.69 -0.63 1.74
N ASP A 18 7.38 0.20 2.52
CA ASP A 18 7.91 -0.20 3.83
C ASP A 18 6.85 -0.30 4.91
N VAL A 19 5.88 0.61 4.86
CA VAL A 19 4.78 0.64 5.80
C VAL A 19 3.93 -0.58 5.51
N ASN A 20 3.78 -0.89 4.23
CA ASN A 20 2.99 -2.04 3.87
C ASN A 20 3.71 -3.26 4.37
N THR A 21 5.01 -3.31 4.14
CA THR A 21 5.82 -4.43 4.59
C THR A 21 5.65 -4.64 6.08
N LEU A 22 5.94 -3.60 6.87
CA LEU A 22 5.84 -3.66 8.32
C LEU A 22 4.49 -4.12 8.84
N THR A 23 3.42 -3.59 8.27
CA THR A 23 2.09 -3.97 8.73
C THR A 23 1.85 -5.45 8.48
N ALA A 24 2.51 -5.97 7.46
CA ALA A 24 2.38 -7.37 7.11
C ALA A 24 3.08 -8.28 8.11
N LYS A 25 4.29 -7.93 8.51
CA LYS A 25 5.00 -8.78 9.47
C LYS A 25 4.33 -8.70 10.84
N LEU A 26 3.96 -7.47 11.22
CA LEU A 26 3.33 -7.17 12.49
C LEU A 26 1.96 -7.81 12.67
N LEU A 27 1.23 -7.98 11.58
CA LEU A 27 -0.11 -8.54 11.67
C LEU A 27 -0.28 -9.99 11.21
N LYS A 28 0.81 -10.66 10.84
CA LYS A 28 0.70 -12.04 10.37
C LYS A 28 0.21 -13.05 11.42
N ASP A 29 0.85 -13.08 12.58
CA ASP A 29 0.47 -13.99 13.64
C ASP A 29 -0.98 -13.86 14.04
N LEU A 30 -1.48 -12.63 14.05
CA LEU A 30 -2.83 -12.31 14.44
C LEU A 30 -3.82 -12.69 13.37
N GLN A 31 -3.44 -12.47 12.12
CA GLN A 31 -4.33 -12.83 11.03
C GLN A 31 -4.37 -14.34 11.01
N THR A 32 -3.26 -14.96 11.42
CA THR A 32 -3.24 -16.41 11.47
C THR A 32 -4.10 -16.78 12.68
N GLU A 33 -3.84 -16.14 13.82
CA GLU A 33 -4.58 -16.39 15.05
C GLU A 33 -6.08 -16.23 14.87
N TYR A 34 -6.49 -15.55 13.81
CA TYR A 34 -7.92 -15.36 13.55
C TYR A 34 -8.31 -16.16 12.32
N GLY A 35 -7.34 -16.81 11.70
CA GLY A 35 -7.61 -17.62 10.52
C GLY A 35 -7.96 -16.89 9.23
N ILE A 36 -7.36 -15.74 8.98
CA ILE A 36 -7.67 -15.06 7.73
C ILE A 36 -6.40 -14.63 7.01
N SER A 37 -6.56 -14.31 5.73
CA SER A 37 -5.45 -13.88 4.91
C SER A 37 -5.27 -12.35 5.04
N ALA A 38 -4.24 -11.82 4.40
CA ALA A 38 -3.98 -10.40 4.47
C ALA A 38 -5.05 -9.58 3.77
N GLU A 39 -5.54 -10.12 2.65
CA GLU A 39 -6.55 -9.43 1.86
C GLU A 39 -7.89 -9.50 2.53
N GLN A 40 -8.06 -10.44 3.44
CA GLN A 40 -9.33 -10.56 4.15
C GLN A 40 -9.28 -9.55 5.29
N SER A 41 -8.06 -9.26 5.70
CA SER A 41 -7.80 -8.34 6.77
C SER A 41 -8.07 -6.96 6.22
N HIS A 42 -7.60 -6.71 5.01
CA HIS A 42 -7.78 -5.41 4.40
C HIS A 42 -9.25 -5.04 4.36
N VAL A 43 -10.03 -6.00 3.87
CA VAL A 43 -11.46 -5.85 3.74
C VAL A 43 -12.16 -5.53 5.04
N LEU A 44 -11.59 -5.94 6.17
CA LEU A 44 -12.23 -5.62 7.45
C LEU A 44 -11.84 -4.23 7.93
N ASN A 45 -10.71 -3.72 7.45
CA ASN A 45 -10.28 -2.42 7.90
C ASN A 45 -11.00 -1.22 7.29
N MET A 46 -11.62 -1.35 6.13
CA MET A 46 -12.36 -0.19 5.63
C MET A 46 -13.73 -0.27 6.25
N LEU A 47 -14.12 -1.50 6.51
CA LEU A 47 -15.40 -1.73 7.15
C LEU A 47 -15.17 -1.42 8.61
N SER A 48 -13.95 -1.07 8.97
CA SER A 48 -13.68 -0.73 10.37
C SER A 48 -14.14 0.71 10.50
N ILE A 49 -14.10 1.40 9.37
CA ILE A 49 -14.55 2.77 9.31
C ILE A 49 -16.07 2.73 9.11
N GLU A 50 -16.46 2.15 7.97
CA GLU A 50 -17.84 2.04 7.53
C GLU A 50 -18.31 0.66 7.12
N ALA A 51 -19.33 0.68 6.25
CA ALA A 51 -19.98 -0.49 5.69
C ALA A 51 -20.31 -0.08 4.26
N LEU A 52 -19.71 -0.74 3.29
CA LEU A 52 -19.98 -0.41 1.89
C LEU A 52 -20.10 -1.64 1.01
N THR A 53 -21.25 -1.76 0.35
CA THR A 53 -21.52 -2.91 -0.50
C THR A 53 -20.77 -2.87 -1.84
N VAL A 54 -20.59 -4.06 -2.40
CA VAL A 54 -19.91 -4.33 -3.69
C VAL A 54 -19.53 -3.09 -4.50
N GLY A 55 -20.01 -3.01 -5.77
CA GLY A 55 -19.72 -1.89 -6.66
C GLY A 55 -18.54 -1.00 -6.27
N GLN A 56 -18.63 -0.37 -5.10
CA GLN A 56 -17.56 0.49 -4.60
C GLN A 56 -16.43 -0.37 -4.02
N ILE A 57 -16.80 -1.56 -3.56
CA ILE A 57 -15.86 -2.50 -2.96
C ILE A 57 -14.68 -2.84 -3.87
N THR A 58 -14.85 -2.80 -5.19
CA THR A 58 -13.73 -3.08 -6.09
C THR A 58 -13.16 -1.75 -6.57
N GLU A 59 -14.04 -0.76 -6.67
CA GLU A 59 -13.67 0.56 -7.12
C GLU A 59 -12.52 1.05 -6.24
N LYS A 60 -12.71 1.05 -4.92
CA LYS A 60 -11.64 1.51 -4.04
C LYS A 60 -10.37 0.72 -4.25
N GLN A 61 -10.50 -0.60 -4.24
CA GLN A 61 -9.37 -1.52 -4.38
C GLN A 61 -8.57 -1.35 -5.67
N GLY A 62 -9.17 -1.75 -6.78
CA GLY A 62 -8.47 -1.68 -8.06
C GLY A 62 -8.19 -3.12 -8.47
N VAL A 63 -8.59 -4.02 -7.57
CA VAL A 63 -8.43 -5.46 -7.77
C VAL A 63 -9.76 -5.91 -8.37
N ASN A 64 -9.68 -6.30 -9.62
CA ASN A 64 -10.85 -6.70 -10.40
C ASN A 64 -11.89 -7.73 -9.93
N LYS A 65 -12.92 -7.84 -10.78
CA LYS A 65 -14.13 -8.67 -10.71
C LYS A 65 -14.37 -9.82 -9.71
N ALA A 66 -15.36 -9.57 -8.85
CA ALA A 66 -15.88 -10.45 -7.81
C ALA A 66 -14.88 -11.03 -6.85
N ALA A 67 -13.60 -10.69 -6.95
CA ALA A 67 -12.69 -11.27 -5.94
C ALA A 67 -13.11 -10.68 -4.60
N VAL A 68 -13.43 -9.38 -4.62
CA VAL A 68 -13.86 -8.66 -3.45
C VAL A 68 -15.15 -9.26 -2.90
N SER A 69 -15.92 -9.92 -3.76
CA SER A 69 -17.16 -10.55 -3.31
C SER A 69 -16.76 -11.95 -2.82
N ARG A 70 -15.71 -12.49 -3.43
CA ARG A 70 -15.17 -13.82 -3.09
C ARG A 70 -14.77 -13.77 -1.62
N ARG A 71 -14.05 -12.72 -1.26
CA ARG A 71 -13.59 -12.51 0.10
C ARG A 71 -14.76 -12.16 1.01
N VAL A 72 -15.74 -11.44 0.46
CA VAL A 72 -16.92 -11.04 1.22
C VAL A 72 -17.65 -12.19 1.88
N LYS A 73 -18.01 -13.21 1.09
CA LYS A 73 -18.69 -14.36 1.65
C LYS A 73 -17.68 -15.20 2.44
N LYS A 74 -16.42 -15.13 2.03
CA LYS A 74 -15.35 -15.84 2.70
C LYS A 74 -15.36 -15.41 4.18
N LEU A 75 -15.46 -14.10 4.36
CA LEU A 75 -15.49 -13.46 5.69
C LEU A 75 -16.86 -13.56 6.33
N LEU A 76 -17.91 -13.57 5.51
CA LEU A 76 -19.28 -13.68 6.01
C LEU A 76 -19.39 -14.99 6.74
N ASN A 77 -18.69 -15.97 6.21
CA ASN A 77 -18.66 -17.31 6.76
C ASN A 77 -18.01 -17.36 8.12
N ALA A 78 -16.87 -16.73 8.29
CA ALA A 78 -16.22 -16.74 9.60
C ALA A 78 -17.09 -15.89 10.51
N GLU A 79 -18.01 -15.16 9.88
CA GLU A 79 -18.95 -14.32 10.61
C GLU A 79 -18.25 -13.13 11.20
N LEU A 80 -17.27 -12.60 10.46
CA LEU A 80 -16.52 -11.44 10.90
C LEU A 80 -17.19 -10.28 10.19
N VAL A 81 -18.06 -10.65 9.26
CA VAL A 81 -18.83 -9.72 8.47
C VAL A 81 -20.32 -10.09 8.49
N LYS A 82 -21.16 -9.07 8.45
CA LYS A 82 -22.61 -9.24 8.48
C LYS A 82 -23.36 -8.57 7.32
N LEU A 83 -24.67 -8.70 7.41
CA LEU A 83 -25.61 -8.14 6.45
C LEU A 83 -26.67 -7.48 7.35
N ILE A 96 -25.74 -4.93 1.57
CA ILE A 96 -25.79 -4.11 2.83
C ILE A 96 -24.41 -4.20 3.51
N ILE A 97 -23.91 -5.43 3.64
CA ILE A 97 -22.58 -5.78 4.19
C ILE A 97 -21.86 -4.90 5.23
N LYS A 98 -22.18 -5.07 6.51
CA LYS A 98 -21.52 -4.29 7.57
C LYS A 98 -20.46 -5.17 8.25
N LEU A 99 -19.96 -4.77 9.41
CA LEU A 99 -18.95 -5.56 10.15
C LEU A 99 -19.49 -6.00 11.53
N SER A 100 -19.35 -7.29 11.83
CA SER A 100 -19.86 -7.83 13.09
C SER A 100 -19.05 -7.53 14.36
N ASN A 101 -19.56 -8.00 15.49
CA ASN A 101 -18.90 -7.79 16.77
C ASN A 101 -17.59 -8.57 16.69
N LYS A 102 -17.62 -9.68 15.96
CA LYS A 102 -16.47 -10.54 15.79
C LYS A 102 -15.29 -9.79 15.17
N GLY A 103 -15.53 -9.10 14.05
CA GLY A 103 -14.45 -8.37 13.41
C GLY A 103 -13.98 -7.17 14.19
N LYS A 104 -14.90 -6.58 14.96
CA LYS A 104 -14.61 -5.41 15.76
C LYS A 104 -13.48 -5.72 16.73
N LYS A 105 -13.52 -6.92 17.28
CA LYS A 105 -12.51 -7.38 18.23
C LYS A 105 -11.16 -7.43 17.50
N TYR A 106 -11.17 -8.05 16.32
CA TYR A 106 -9.97 -8.17 15.52
C TYR A 106 -9.31 -6.81 15.36
N ILE A 107 -10.07 -5.87 14.80
CA ILE A 107 -9.62 -4.50 14.58
C ILE A 107 -8.97 -3.83 15.78
N LYS A 108 -9.56 -4.00 16.98
CA LYS A 108 -9.01 -3.42 18.20
C LYS A 108 -7.62 -3.99 18.35
N GLU A 109 -7.51 -5.29 18.13
CA GLU A 109 -6.22 -5.94 18.25
C GLU A 109 -5.29 -5.43 17.19
N ARG A 110 -5.80 -5.18 16.00
CA ARG A 110 -4.97 -4.65 14.93
C ARG A 110 -4.50 -3.26 15.36
N LYS A 111 -5.45 -2.39 15.71
CA LYS A 111 -5.14 -1.04 16.15
C LYS A 111 -4.16 -1.03 17.33
N ALA A 112 -4.34 -1.95 18.28
CA ALA A 112 -3.43 -1.99 19.43
C ALA A 112 -1.98 -2.24 19.02
N ILE A 113 -1.75 -3.16 18.09
CA ILE A 113 -0.41 -3.46 17.62
C ILE A 113 0.16 -2.28 16.83
N MET A 114 -0.63 -1.79 15.88
CA MET A 114 -0.24 -0.66 15.04
C MET A 114 0.16 0.59 15.82
N SER A 115 -0.75 1.05 16.67
CA SER A 115 -0.54 2.24 17.49
C SER A 115 0.65 2.22 18.43
N HIS A 116 0.86 1.15 19.18
CA HIS A 116 2.01 1.13 20.06
C HIS A 116 3.34 1.14 19.34
N ILE A 117 3.37 0.60 18.13
CA ILE A 117 4.60 0.61 17.34
C ILE A 117 4.81 2.02 16.82
N ALA A 118 3.78 2.59 16.19
CA ALA A 118 3.84 3.94 15.65
C ALA A 118 4.10 4.94 16.74
N SER A 119 3.60 4.64 17.94
CA SER A 119 3.81 5.53 19.06
C SER A 119 5.29 5.46 19.43
N ASP A 120 5.80 4.25 19.59
CA ASP A 120 7.19 4.03 19.91
C ASP A 120 8.15 4.66 18.91
N MET A 121 7.75 4.77 17.65
CA MET A 121 8.61 5.34 16.61
C MET A 121 8.42 6.82 16.43
N THR A 122 7.50 7.39 17.18
CA THR A 122 7.20 8.78 17.01
C THR A 122 7.37 9.61 18.28
N SER A 123 7.36 8.91 19.41
CA SER A 123 7.46 9.52 20.72
C SER A 123 8.56 10.55 21.02
N ASP A 124 9.59 10.65 20.19
CA ASP A 124 10.67 11.60 20.45
C ASP A 124 10.67 12.77 19.47
N PHE A 125 9.53 12.94 18.81
CA PHE A 125 9.38 14.00 17.85
C PHE A 125 8.57 15.11 18.45
N ASP A 126 8.83 16.33 18.01
CA ASP A 126 8.09 17.44 18.53
C ASP A 126 6.76 17.50 17.83
N SER A 127 5.70 17.35 18.60
CA SER A 127 4.34 17.38 18.08
C SER A 127 4.18 18.34 16.90
N LYS A 128 4.95 19.42 16.93
CA LYS A 128 4.88 20.43 15.89
C LYS A 128 5.34 19.82 14.59
N GLU A 129 6.43 19.05 14.65
CA GLU A 129 6.97 18.42 13.46
C GLU A 129 5.98 17.43 12.86
N ILE A 130 5.42 16.56 13.69
CA ILE A 130 4.47 15.56 13.22
C ILE A 130 3.19 16.10 12.57
N GLU A 131 2.71 17.21 13.13
CA GLU A 131 1.51 17.88 12.66
C GLU A 131 1.74 18.47 11.30
N LYS A 132 2.92 19.02 11.08
CA LYS A 132 3.24 19.62 9.78
C LYS A 132 3.31 18.54 8.72
N VAL A 133 3.72 17.35 9.15
CA VAL A 133 3.81 16.22 8.24
C VAL A 133 2.40 15.83 7.87
N ARG A 134 1.56 15.72 8.88
CA ARG A 134 0.15 15.38 8.78
C ARG A 134 -0.52 16.36 7.84
N GLN A 135 -0.25 17.64 8.06
CA GLN A 135 -0.82 18.72 7.26
C GLN A 135 -0.40 18.65 5.80
N VAL A 136 0.81 18.19 5.53
CA VAL A 136 1.25 18.08 4.14
C VAL A 136 0.66 16.86 3.44
N LEU A 137 0.56 15.75 4.15
CA LEU A 137 -0.02 14.56 3.57
C LEU A 137 -1.49 14.79 3.43
N GLU A 138 -2.05 15.55 4.37
CA GLU A 138 -3.48 15.89 4.35
C GLU A 138 -3.83 16.73 3.14
N ILE A 139 -2.97 17.69 2.76
CA ILE A 139 -3.27 18.49 1.58
C ILE A 139 -2.99 17.69 0.32
N ILE A 140 -2.03 16.78 0.38
CA ILE A 140 -1.74 15.94 -0.77
C ILE A 140 -2.90 14.94 -0.95
N ASP A 141 -3.47 14.44 0.16
CA ASP A 141 -4.59 13.49 0.06
C ASP A 141 -5.83 14.19 -0.48
N TYR A 142 -5.92 15.48 -0.23
CA TYR A 142 -7.05 16.28 -0.69
C TYR A 142 -6.99 16.37 -2.21
N ARG A 143 -5.86 16.79 -2.77
CA ARG A 143 -5.71 16.86 -4.22
C ARG A 143 -5.95 15.49 -4.86
N ILE A 144 -5.39 14.44 -4.25
CA ILE A 144 -5.55 13.08 -4.76
C ILE A 144 -7.02 12.71 -4.95
N GLN A 145 -7.79 12.77 -3.87
CA GLN A 145 -9.21 12.46 -3.93
C GLN A 145 -9.90 13.24 -5.03
N SER A 146 -9.77 14.56 -4.98
CA SER A 146 -10.38 15.40 -5.98
C SER A 146 -9.96 14.94 -7.36
N TYR A 147 -8.66 14.76 -7.60
CA TYR A 147 -8.20 14.32 -8.93
C TYR A 147 -8.86 13.01 -9.30
N THR A 148 -8.88 12.08 -8.36
CA THR A 148 -9.50 10.81 -8.61
C THR A 148 -10.90 11.10 -9.13
N SER A 149 -11.71 11.75 -8.29
CA SER A 149 -13.10 12.07 -8.65
C SER A 149 -13.25 12.57 -10.05
N LYS A 150 -12.21 13.15 -10.62
CA LYS A 150 -12.28 13.58 -12.02
C LYS A 150 -12.20 12.24 -12.77
N LEU A 151 -12.76 11.23 -12.11
CA LEU A 151 -12.80 9.83 -12.55
C LEU A 151 -11.62 9.49 -13.44
N ILE B 5 -2.81 10.95 16.97
CA ILE B 5 -2.60 9.99 18.09
C ILE B 5 -2.69 8.56 17.52
N GLU B 6 -3.90 8.15 17.16
CA GLU B 6 -4.10 6.87 16.48
C GLU B 6 -5.06 7.35 15.41
N ASP B 7 -5.02 8.68 15.24
CA ASP B 7 -5.80 9.42 14.28
C ASP B 7 -4.85 9.31 13.14
N HIS B 8 -3.61 9.67 13.40
CA HIS B 8 -2.54 9.63 12.40
C HIS B 8 -2.42 8.30 11.72
N ILE B 9 -2.49 7.24 12.50
CA ILE B 9 -2.42 5.91 11.95
C ILE B 9 -3.61 5.62 11.03
N SER B 10 -4.76 6.16 11.35
CA SER B 10 -5.90 5.97 10.47
C SER B 10 -5.75 6.83 9.23
N PHE B 11 -5.27 8.06 9.39
CA PHE B 11 -5.08 8.95 8.27
C PHE B 11 -4.12 8.35 7.28
N LEU B 12 -3.01 7.83 7.78
CA LEU B 12 -2.00 7.20 6.96
C LEU B 12 -2.57 6.01 6.17
N GLU B 13 -3.33 5.16 6.84
CA GLU B 13 -3.92 4.05 6.15
C GLU B 13 -4.81 4.53 5.04
N LYS B 14 -5.68 5.49 5.36
CA LYS B 14 -6.61 6.09 4.40
C LYS B 14 -5.91 6.75 3.23
N PHE B 15 -4.76 7.36 3.52
CA PHE B 15 -3.89 8.06 2.57
C PHE B 15 -3.23 7.10 1.61
N ILE B 16 -2.79 5.95 2.13
CA ILE B 16 -2.15 4.91 1.32
C ILE B 16 -3.19 4.30 0.39
N ASN B 17 -4.39 4.11 0.93
CA ASN B 17 -5.49 3.58 0.16
C ASN B 17 -5.76 4.52 -1.01
N ASP B 18 -5.89 5.81 -0.75
CA ASP B 18 -6.13 6.80 -1.78
C ASP B 18 -5.04 6.80 -2.84
N VAL B 19 -3.80 6.71 -2.41
CA VAL B 19 -2.67 6.67 -3.35
C VAL B 19 -2.68 5.42 -4.25
N ASN B 20 -3.16 4.31 -3.71
CA ASN B 20 -3.23 3.08 -4.48
C ASN B 20 -4.39 3.24 -5.45
N THR B 21 -5.53 3.69 -4.97
CA THR B 21 -6.66 3.90 -5.86
C THR B 21 -6.32 4.82 -7.05
N LEU B 22 -5.51 5.84 -6.85
CA LEU B 22 -5.14 6.75 -7.94
C LEU B 22 -4.15 6.11 -8.90
N THR B 23 -3.24 5.32 -8.35
CA THR B 23 -2.21 4.64 -9.11
C THR B 23 -2.82 3.56 -10.00
N ALA B 24 -3.78 2.83 -9.45
CA ALA B 24 -4.45 1.78 -10.18
C ALA B 24 -5.06 2.35 -11.44
N LYS B 25 -5.89 3.38 -11.28
CA LYS B 25 -6.56 4.03 -12.42
C LYS B 25 -5.59 4.68 -13.41
N LEU B 26 -4.68 5.51 -12.90
CA LEU B 26 -3.67 6.17 -13.73
C LEU B 26 -2.83 5.18 -14.55
N LEU B 27 -2.74 3.95 -14.06
CA LEU B 27 -1.94 2.94 -14.74
C LEU B 27 -2.73 1.86 -15.41
N LYS B 28 -4.04 2.04 -15.51
CA LYS B 28 -4.89 1.03 -16.13
C LYS B 28 -4.44 0.66 -17.54
N ASP B 29 -4.09 1.65 -18.34
CA ASP B 29 -3.70 1.37 -19.70
C ASP B 29 -2.35 0.73 -19.88
N LEU B 30 -1.29 1.35 -19.36
CA LEU B 30 0.06 0.78 -19.51
C LEU B 30 0.09 -0.68 -19.09
N GLN B 31 -0.68 -1.03 -18.06
CA GLN B 31 -0.75 -2.40 -17.57
C GLN B 31 -1.38 -3.29 -18.63
N THR B 32 -2.49 -2.83 -19.17
CA THR B 32 -3.24 -3.52 -20.21
C THR B 32 -2.34 -3.71 -21.42
N GLU B 33 -1.76 -2.60 -21.87
CA GLU B 33 -0.87 -2.56 -23.01
C GLU B 33 0.24 -3.58 -22.85
N TYR B 34 0.55 -3.92 -21.60
CA TYR B 34 1.60 -4.89 -21.31
C TYR B 34 1.20 -6.31 -20.96
N GLY B 35 -0.08 -6.59 -20.77
CA GLY B 35 -0.51 -7.94 -20.39
C GLY B 35 -0.55 -8.05 -18.88
N ILE B 36 0.25 -7.19 -18.24
CA ILE B 36 0.41 -7.05 -16.79
C ILE B 36 -0.88 -6.91 -15.98
N SER B 37 -0.83 -7.39 -14.73
CA SER B 37 -1.96 -7.27 -13.82
C SER B 37 -1.52 -6.20 -12.83
N ALA B 38 -2.46 -5.72 -12.01
CA ALA B 38 -2.07 -4.70 -11.05
C ALA B 38 -1.06 -5.26 -10.06
N GLU B 39 -1.41 -6.37 -9.43
CA GLU B 39 -0.56 -7.02 -8.44
C GLU B 39 0.81 -7.40 -9.00
N GLN B 40 0.96 -7.28 -10.32
CA GLN B 40 2.20 -7.62 -11.02
C GLN B 40 3.00 -6.38 -11.28
N SER B 41 2.27 -5.27 -11.45
CA SER B 41 2.87 -3.96 -11.67
C SER B 41 3.58 -3.60 -10.39
N HIS B 42 2.95 -4.00 -9.29
CA HIS B 42 3.44 -3.76 -7.95
C HIS B 42 4.73 -4.49 -7.72
N VAL B 43 4.76 -5.76 -8.06
CA VAL B 43 5.97 -6.57 -7.93
C VAL B 43 7.05 -5.95 -8.79
N LEU B 44 6.64 -5.44 -9.95
CA LEU B 44 7.55 -4.81 -10.91
C LEU B 44 8.08 -3.53 -10.35
N ASN B 45 7.32 -2.94 -9.46
CA ASN B 45 7.76 -1.70 -8.86
C ASN B 45 8.57 -2.01 -7.62
N MET B 46 8.29 -3.14 -6.97
CA MET B 46 9.05 -3.50 -5.77
C MET B 46 10.47 -3.81 -6.17
N LEU B 47 10.59 -4.40 -7.35
CA LEU B 47 11.89 -4.77 -7.88
C LEU B 47 12.51 -3.56 -8.48
N SER B 48 11.80 -2.44 -8.44
CA SER B 48 12.31 -1.22 -9.00
C SER B 48 13.35 -0.69 -8.03
N ILE B 49 13.20 -1.07 -6.76
CA ILE B 49 14.13 -0.64 -5.73
C ILE B 49 15.17 -1.70 -5.38
N GLU B 50 14.79 -2.96 -5.25
CA GLU B 50 15.79 -3.95 -4.95
C GLU B 50 15.44 -5.34 -5.50
N ALA B 51 16.48 -6.16 -5.72
CA ALA B 51 16.30 -7.52 -6.23
C ALA B 51 15.67 -8.37 -5.14
N LEU B 52 14.92 -9.40 -5.53
CA LEU B 52 14.28 -10.24 -4.52
C LEU B 52 14.26 -11.74 -4.84
N THR B 53 13.44 -12.44 -4.05
CA THR B 53 13.23 -13.88 -4.19
C THR B 53 11.72 -13.98 -3.95
N VAL B 54 11.07 -15.03 -4.45
CA VAL B 54 9.63 -15.14 -4.21
C VAL B 54 9.38 -15.05 -2.72
N GLY B 55 10.31 -15.55 -1.92
CA GLY B 55 10.16 -15.49 -0.48
C GLY B 55 10.15 -14.06 0.05
N GLN B 56 11.13 -13.28 -0.37
CA GLN B 56 11.23 -11.89 0.09
C GLN B 56 10.02 -11.05 -0.30
N ILE B 57 9.53 -11.26 -1.52
CA ILE B 57 8.37 -10.55 -2.01
C ILE B 57 7.14 -10.94 -1.23
N THR B 58 7.10 -12.20 -0.78
CA THR B 58 5.97 -12.74 -0.04
C THR B 58 6.00 -12.32 1.41
N GLU B 59 7.17 -11.94 1.92
CA GLU B 59 7.30 -11.47 3.29
C GLU B 59 6.84 -10.00 3.26
N LYS B 60 7.50 -9.25 2.41
CA LYS B 60 7.23 -7.85 2.21
C LYS B 60 5.81 -7.55 1.73
N GLN B 61 5.03 -8.58 1.37
CA GLN B 61 3.68 -8.37 0.83
C GLN B 61 2.57 -9.08 1.59
N GLY B 62 2.95 -10.07 2.39
CA GLY B 62 1.98 -10.80 3.18
C GLY B 62 0.87 -11.61 2.52
N VAL B 63 1.05 -12.03 1.27
CA VAL B 63 0.05 -12.82 0.56
C VAL B 63 0.61 -14.21 0.27
N ASN B 64 -0.22 -15.25 0.34
CA ASN B 64 0.25 -16.64 0.12
C ASN B 64 1.22 -16.85 -1.02
N LYS B 65 2.42 -17.36 -0.70
CA LYS B 65 3.49 -17.63 -1.65
C LYS B 65 3.15 -18.09 -3.06
N ALA B 66 2.18 -18.99 -3.19
CA ALA B 66 1.78 -19.52 -4.51
C ALA B 66 1.40 -18.41 -5.46
N ALA B 67 0.61 -17.47 -4.95
CA ALA B 67 0.15 -16.33 -5.72
C ALA B 67 1.35 -15.53 -6.26
N VAL B 68 2.33 -15.28 -5.40
CA VAL B 68 3.52 -14.54 -5.73
C VAL B 68 4.31 -15.33 -6.76
N SER B 69 4.16 -16.64 -6.67
CA SER B 69 4.82 -17.58 -7.55
C SER B 69 4.14 -17.60 -8.90
N ARG B 70 2.81 -17.47 -8.89
CA ARG B 70 2.12 -17.47 -10.16
C ARG B 70 2.51 -16.33 -11.01
N ARG B 71 2.68 -15.15 -10.41
CA ARG B 71 2.98 -13.96 -11.12
C ARG B 71 4.45 -13.82 -11.38
N VAL B 72 5.27 -14.31 -10.46
CA VAL B 72 6.69 -14.18 -10.64
C VAL B 72 7.15 -14.81 -11.95
N LYS B 73 6.65 -15.99 -12.24
CA LYS B 73 7.02 -16.66 -13.45
C LYS B 73 6.23 -16.23 -14.67
N LYS B 74 5.12 -15.49 -14.47
CA LYS B 74 4.34 -15.00 -15.61
C LYS B 74 5.14 -13.84 -16.13
N LEU B 75 5.93 -13.26 -15.24
CA LEU B 75 6.68 -12.11 -15.56
C LEU B 75 7.97 -12.45 -16.24
N LEU B 76 8.47 -13.64 -15.93
CA LEU B 76 9.74 -14.11 -16.51
C LEU B 76 9.47 -14.50 -17.95
N ASN B 77 8.35 -15.17 -18.12
CA ASN B 77 7.91 -15.61 -19.42
C ASN B 77 7.73 -14.40 -20.33
N ALA B 78 7.43 -13.22 -19.76
CA ALA B 78 7.22 -11.99 -20.51
C ALA B 78 8.48 -11.16 -20.63
N GLU B 79 9.58 -11.67 -20.06
CA GLU B 79 10.85 -10.98 -20.10
C GLU B 79 10.75 -9.59 -19.52
N LEU B 80 10.17 -9.51 -18.32
CA LEU B 80 10.05 -8.24 -17.64
C LEU B 80 11.05 -8.22 -16.48
N VAL B 81 11.23 -9.38 -15.87
CA VAL B 81 12.16 -9.57 -14.75
C VAL B 81 13.17 -10.66 -15.23
N LYS B 82 14.24 -10.92 -14.47
CA LYS B 82 15.20 -11.95 -14.89
C LYS B 82 16.00 -12.64 -13.79
N LEU B 83 16.46 -13.86 -14.05
CA LEU B 83 17.24 -14.58 -13.05
C LEU B 83 18.70 -14.19 -13.15
N GLU B 84 19.13 -13.31 -12.25
CA GLU B 84 20.51 -12.80 -12.18
C GLU B 84 20.87 -11.90 -13.36
N LYS B 95 21.78 -16.19 -8.19
CA LYS B 95 20.52 -15.78 -8.85
C LYS B 95 19.71 -14.82 -7.97
N ILE B 96 18.53 -14.45 -8.49
CA ILE B 96 17.56 -13.58 -7.83
C ILE B 96 16.64 -12.99 -8.88
N ILE B 97 15.81 -12.04 -8.47
CA ILE B 97 14.87 -11.41 -9.38
C ILE B 97 15.27 -9.98 -9.77
N LYS B 98 15.91 -9.83 -10.93
CA LYS B 98 16.36 -8.54 -11.45
C LYS B 98 15.31 -7.97 -12.41
N LEU B 99 15.74 -7.15 -13.37
CA LEU B 99 14.83 -6.53 -14.33
C LEU B 99 15.44 -6.37 -15.72
N SER B 100 14.61 -6.46 -16.74
CA SER B 100 15.08 -6.29 -18.10
C SER B 100 14.59 -4.92 -18.56
N ASN B 101 15.04 -4.42 -19.70
CA ASN B 101 14.60 -3.09 -20.14
C ASN B 101 13.09 -3.06 -20.15
N LYS B 102 12.51 -4.01 -20.89
CA LYS B 102 11.08 -4.07 -21.01
C LYS B 102 10.48 -3.82 -19.63
N GLY B 103 11.17 -4.28 -18.58
CA GLY B 103 10.67 -4.05 -17.25
C GLY B 103 11.06 -2.67 -16.77
N LYS B 104 12.25 -2.22 -17.17
CA LYS B 104 12.74 -0.89 -16.79
C LYS B 104 11.90 0.16 -17.49
N LYS B 105 11.80 0.01 -18.82
CA LYS B 105 11.04 0.92 -19.67
C LYS B 105 9.61 1.04 -19.16
N TYR B 106 9.10 -0.02 -18.56
CA TYR B 106 7.76 0.01 -18.00
C TYR B 106 7.83 0.88 -16.76
N ILE B 107 8.88 0.70 -15.99
CA ILE B 107 9.06 1.48 -14.79
C ILE B 107 9.27 2.95 -15.15
N LYS B 108 9.88 3.19 -16.30
CA LYS B 108 10.14 4.55 -16.79
C LYS B 108 8.84 5.17 -17.31
N GLU B 109 7.97 4.33 -17.87
CA GLU B 109 6.69 4.84 -18.36
C GLU B 109 5.79 5.04 -17.16
N ARG B 110 6.02 4.28 -16.11
CA ARG B 110 5.23 4.40 -14.90
C ARG B 110 5.67 5.67 -14.17
N LYS B 111 6.96 5.99 -14.23
CA LYS B 111 7.49 7.20 -13.56
C LYS B 111 7.02 8.46 -14.27
N ALA B 112 6.85 8.36 -15.58
CA ALA B 112 6.41 9.49 -16.41
C ALA B 112 5.00 9.95 -16.07
N ILE B 113 4.08 9.00 -15.96
CA ILE B 113 2.72 9.35 -15.64
C ILE B 113 2.72 9.89 -14.24
N MET B 114 3.29 9.11 -13.33
CA MET B 114 3.36 9.48 -11.94
C MET B 114 3.95 10.88 -11.72
N SER B 115 5.10 11.17 -12.30
CA SER B 115 5.71 12.48 -12.11
C SER B 115 4.87 13.60 -12.70
N HIS B 116 4.02 13.26 -13.66
CA HIS B 116 3.19 14.27 -14.32
C HIS B 116 2.01 14.79 -13.53
N ILE B 117 1.28 13.94 -12.82
CA ILE B 117 0.17 14.50 -12.07
C ILE B 117 0.67 14.98 -10.70
N ALA B 118 1.68 14.30 -10.17
CA ALA B 118 2.26 14.66 -8.88
C ALA B 118 2.72 16.10 -8.94
N SER B 119 3.24 16.47 -10.10
CA SER B 119 3.73 17.80 -10.32
C SER B 119 2.51 18.75 -10.31
N ASP B 120 1.55 18.46 -11.19
CA ASP B 120 0.31 19.21 -11.31
C ASP B 120 -0.25 19.67 -9.96
N MET B 121 -0.19 18.83 -8.93
CA MET B 121 -0.73 19.20 -7.62
C MET B 121 0.26 19.54 -6.53
N THR B 122 1.45 19.99 -6.90
CA THR B 122 2.45 20.35 -5.90
C THR B 122 3.20 21.55 -6.44
N SER B 123 2.61 22.13 -7.48
CA SER B 123 3.22 23.28 -8.15
C SER B 123 3.29 24.46 -7.22
N ASP B 124 2.37 24.53 -6.26
CA ASP B 124 2.36 25.65 -5.32
C ASP B 124 3.03 25.42 -3.97
N PHE B 125 3.57 24.22 -3.74
CA PHE B 125 4.24 23.89 -2.49
C PHE B 125 5.56 24.61 -2.34
N ASP B 126 5.99 24.77 -1.09
CA ASP B 126 7.25 25.43 -0.75
C ASP B 126 8.30 24.33 -0.62
N SER B 127 9.32 24.36 -1.46
CA SER B 127 10.37 23.35 -1.42
C SER B 127 11.01 23.13 -0.07
N LYS B 128 11.08 24.15 0.78
CA LYS B 128 11.67 23.98 2.11
C LYS B 128 10.69 23.31 3.06
N GLU B 129 9.43 23.72 3.00
CA GLU B 129 8.43 23.09 3.87
C GLU B 129 8.43 21.62 3.54
N ILE B 130 8.70 21.28 2.28
CA ILE B 130 8.74 19.89 1.89
C ILE B 130 10.02 19.22 2.37
N GLU B 131 11.12 19.95 2.37
CA GLU B 131 12.37 19.38 2.83
C GLU B 131 12.33 18.91 4.28
N LYS B 132 11.82 19.72 5.21
CA LYS B 132 11.77 19.26 6.61
C LYS B 132 10.82 18.09 6.77
N VAL B 133 9.74 18.13 6.00
CA VAL B 133 8.75 17.08 6.03
C VAL B 133 9.42 15.81 5.58
N ARG B 134 10.20 15.92 4.51
CA ARG B 134 10.93 14.79 3.98
C ARG B 134 11.83 14.13 5.01
N GLN B 135 12.70 14.91 5.64
CA GLN B 135 13.62 14.36 6.64
C GLN B 135 12.92 13.76 7.85
N VAL B 136 11.72 14.21 8.15
CA VAL B 136 11.01 13.62 9.26
C VAL B 136 10.67 12.21 8.80
N LEU B 137 10.13 12.10 7.60
CA LEU B 137 9.76 10.81 7.06
C LEU B 137 10.94 9.90 6.80
N GLU B 138 12.00 10.41 6.18
CA GLU B 138 13.18 9.58 5.91
C GLU B 138 13.63 8.93 7.20
N ILE B 139 13.43 9.62 8.31
CA ILE B 139 13.85 9.11 9.60
C ILE B 139 12.89 8.03 10.04
N ILE B 140 11.62 8.23 9.75
CA ILE B 140 10.64 7.24 10.10
C ILE B 140 10.79 6.01 9.19
N ASP B 141 11.18 6.26 7.94
CA ASP B 141 11.38 5.17 7.01
C ASP B 141 12.50 4.33 7.55
N TYR B 142 13.53 4.99 8.06
CA TYR B 142 14.70 4.33 8.62
C TYR B 142 14.33 3.39 9.76
N ARG B 143 13.44 3.85 10.63
CA ARG B 143 13.01 3.10 11.78
C ARG B 143 12.08 2.00 11.39
N ILE B 144 11.36 2.16 10.27
CA ILE B 144 10.44 1.11 9.82
C ILE B 144 11.21 -0.08 9.31
N GLN B 145 12.14 0.19 8.39
CA GLN B 145 13.02 -0.83 7.83
C GLN B 145 13.74 -1.55 8.97
N SER B 146 14.36 -0.76 9.84
CA SER B 146 15.10 -1.26 10.98
C SER B 146 14.30 -2.12 11.95
N TYR B 147 13.04 -1.82 12.13
CA TYR B 147 12.25 -2.61 13.06
C TYR B 147 11.82 -3.88 12.34
N THR B 148 11.58 -3.75 11.04
CA THR B 148 11.15 -4.88 10.23
C THR B 148 12.24 -5.95 10.17
N SER B 149 13.50 -5.52 10.16
CA SER B 149 14.62 -6.45 10.08
C SER B 149 14.51 -7.60 11.06
N LYS B 150 14.13 -7.28 12.30
CA LYS B 150 13.97 -8.32 13.33
C LYS B 150 12.69 -9.11 13.01
N LEU B 151 11.59 -8.62 13.55
CA LEU B 151 10.30 -9.21 13.27
C LEU B 151 9.30 -8.05 13.36
C11 SRY C . -2.72 -6.98 -0.49
N11 SRY C . -1.85 -6.27 -1.42
CA1 SRY C . -1.88 -6.30 -2.77
NB1 SRY C . -2.80 -7.04 -3.41
NC1 SRY C . -0.89 -5.73 -3.47
C21 SRY C . -4.05 -6.22 -0.43
O21 SRY C . -4.78 -6.58 -1.60
C31 SRY C . -4.82 -6.58 0.84
N31 SRY C . -6.17 -6.00 0.91
CD1 SRY C . -7.04 -5.88 -0.11
NE1 SRY C . -8.27 -5.39 0.10
NF1 SRY C . -6.57 -5.83 -1.37
C41 SRY C . -3.96 -6.14 2.02
O41 SRY C . -4.74 -6.10 3.24
C51 SRY C . -2.84 -7.18 2.07
O51 SRY C . -2.00 -7.01 3.22
C61 SRY C . -1.98 -6.94 0.84
O61 SRY C . -0.97 -7.97 0.80
C12 SRY C . -4.06 -5.29 4.21
C22 SRY C . -5.05 -4.73 5.24
C32 SRY C . -4.35 -5.07 6.54
O32 SRY C . -3.37 -4.04 6.82
CG2 SRY C . -5.36 -5.14 7.67
OG2 SRY C . -4.61 -5.41 8.85
C42 SRY C . -3.68 -6.40 6.24
CH2 SRY C . -2.46 -6.51 7.17
O42 SRY C . -3.18 -6.20 4.91
O13 SRY C . -5.12 -3.29 5.34
C13 SRY C . -5.03 -2.57 4.10
C23 SRY C . -5.61 -1.17 4.31
N23 SRY C . -6.96 -1.17 4.88
CI3 SRY C . -7.43 0.21 5.08
C33 SRY C . -4.65 -0.33 5.15
O33 SRY C . -5.17 1.00 5.29
C43 SRY C . -3.34 -0.28 4.39
O43 SRY C . -2.47 0.70 4.98
C53 SRY C . -2.81 -1.71 4.42
O53 SRY C . -3.68 -2.53 3.59
C63 SRY C . -1.34 -1.78 3.97
O63 SRY C . -0.49 -1.01 4.84
C11 SRY D . -4.95 -16.84 -16.31
N11 SRY D . -5.57 -15.61 -16.83
CA1 SRY D . -5.06 -14.38 -16.65
NB1 SRY D . -3.91 -14.25 -15.96
NC1 SRY D . -5.79 -13.30 -16.95
C21 SRY D . -4.71 -16.75 -14.81
O21 SRY D . -5.92 -16.33 -14.17
C31 SRY D . -4.32 -18.17 -14.37
N31 SRY D . -4.08 -18.32 -12.93
CD1 SRY D . -3.97 -19.55 -12.39
NE1 SRY D . -3.73 -19.69 -11.08
NF1 SRY D . -4.26 -20.63 -13.13
C41 SRY D . -3.04 -18.56 -15.09
O41 SRY D . -2.70 -19.89 -14.66
C51 SRY D . -3.24 -18.56 -16.59
O51 SRY D . -2.02 -18.96 -17.24
C61 SRY D . -3.62 -17.15 -17.00
O61 SRY D . -3.79 -17.06 -18.43
C12 SRY D . -1.44 -19.85 -13.97
C22 SRY D . -1.43 -20.97 -12.93
C32 SRY D . -0.06 -21.57 -13.13
O32 SRY D . 0.95 -20.76 -12.54
CG2 SRY D . 0.00 -23.01 -12.60
OG2 SRY D . 0.75 -23.04 -11.38
C42 SRY D . -0.01 -21.52 -14.65
CH2 SRY D . 1.43 -21.77 -15.12
O42 SRY D . -0.37 -20.14 -14.89
O13 SRY D . -1.58 -20.48 -11.59
C13 SRY D . -1.57 -21.62 -10.72
C23 SRY D . -0.53 -21.46 -9.61
N23 SRY D . 0.82 -21.20 -10.13
CI3 SRY D . 1.84 -21.46 -9.10
C33 SRY D . -0.99 -20.38 -8.65
O33 SRY D . -0.06 -20.28 -7.54
C43 SRY D . -2.35 -20.79 -8.12
O43 SRY D . -2.82 -19.85 -7.13
C53 SRY D . -3.32 -20.82 -9.29
O53 SRY D . -2.89 -21.87 -10.17
C63 SRY D . -4.74 -21.02 -8.77
O63 SRY D . -4.98 -20.11 -7.68
#